data_7KQL
#
_entry.id   7KQL
#
_cell.length_a   66.105
_cell.length_b   63.856
_cell.length_c   66.407
_cell.angle_alpha   90.000
_cell.angle_beta   94.254
_cell.angle_gamma   90.000
#
_symmetry.space_group_name_H-M   'P 1 21 1'
#
loop_
_entity.id
_entity.type
_entity.pdbx_description
1 polymer 'Tim3.18 Fab heavy chain'
2 polymer 'Tim3.18 Fab light chain'
3 polymer 'Hepatitis A virus cellular receptor 2'
4 non-polymer GLYCEROL
5 water water
#
loop_
_entity_poly.entity_id
_entity_poly.type
_entity_poly.pdbx_seq_one_letter_code
_entity_poly.pdbx_strand_id
1 'polypeptide(L)'
;QLQLQESGPGLVKPSETLSLTCTVSGGSISSRSYYWGWIRQPPGKGLEWIGSIYYSGFTYYQPSLKSRVTISVDTSKNQF
SLKLSSVTAADTAVYYCATGGPYGDYAHWFEPWGQGTLVTVSSASTKGPSVFPLAPSSKSTSGGTAALGCLVKDYFPEPV
TVSWNSGALTSGVHTFPAVLQSSGLYSLSSVVTVPSSSLGTQTYICNVNHKPSNTKVDKRVEPKSCGGHHHHHH
;
H
2 'polypeptide(L)'
;EIVLTQSPGTLSLSPGERATLSCRASQSVSSSYLAWYQQKPGQAPRLLIYGASSRATGIPDRFSGSGSGTDFTLTISRLE
PEDFAVYYCQQYGSSPITFGQGTRLEIKRTVAAPSVFIFPPSDEQLKSGTASVVCLLNNFYPREAKVQWKVDNALQSGNS
QESVTEQDSKDSTYSLSSTLTLSKADYEKHKVYACEVTHQGLSSPVTKSFNRGEC
;
L
3 'polypeptide(L)'
;HHHHHHSAALEVLFQGPGSEVEYRAEVGQNAYLPCFYTPAAPGNLVPVCWGKGACPVFECGNVVLRTDERDVNYWTSRYW
LNGDFRKGDVSLTIENVTLADSGIYCCRIQIPGIMNDEKFNLKLVIKPA
;
T
#
loop_
_chem_comp.id
_chem_comp.type
_chem_comp.name
_chem_comp.formula
GOL non-polymer GLYCEROL 'C3 H8 O3'
#
# COMPACT_ATOMS: atom_id res chain seq x y z
N GLN A 1 -20.21 3.04 1.48
CA GLN A 1 -18.78 3.02 1.77
C GLN A 1 -17.99 3.91 0.81
N LEU A 2 -17.10 4.73 1.38
CA LEU A 2 -16.17 5.49 0.57
C LEU A 2 -15.26 4.55 -0.21
N GLN A 3 -15.00 4.88 -1.47
CA GLN A 3 -14.03 4.18 -2.29
C GLN A 3 -13.08 5.18 -2.94
N LEU A 4 -11.79 4.88 -2.92
CA LEU A 4 -10.76 5.77 -3.45
C LEU A 4 -10.01 5.06 -4.56
N GLN A 5 -9.59 5.81 -5.58
CA GLN A 5 -8.94 5.26 -6.76
C GLN A 5 -7.88 6.22 -7.27
N GLU A 6 -6.62 5.79 -7.23
CA GLU A 6 -5.51 6.56 -7.79
C GLU A 6 -5.49 6.48 -9.31
N SER A 7 -5.02 7.56 -9.93
CA SER A 7 -4.76 7.58 -11.36
C SER A 7 -3.54 8.44 -11.64
N GLY A 8 -2.83 8.10 -12.72
CA GLY A 8 -1.69 8.87 -13.17
C GLY A 8 -0.60 7.99 -13.72
N PRO A 9 0.43 8.61 -14.27
CA PRO A 9 1.47 7.87 -14.99
C PRO A 9 2.22 6.91 -14.08
N GLY A 10 2.66 5.82 -14.67
CA GLY A 10 3.53 4.87 -14.01
C GLY A 10 5.02 5.12 -14.20
N LEU A 11 5.38 6.06 -15.07
CA LEU A 11 6.79 6.31 -15.36
C LEU A 11 6.99 7.82 -15.43
N VAL A 12 7.99 8.33 -14.70
CA VAL A 12 8.30 9.77 -14.64
C VAL A 12 9.80 9.91 -14.78
N LYS A 13 10.24 10.91 -15.54
CA LYS A 13 11.67 11.07 -15.71
C LYS A 13 12.27 11.84 -14.54
N PRO A 14 13.51 11.51 -14.14
CA PRO A 14 14.18 12.28 -13.10
C PRO A 14 14.18 13.77 -13.44
N SER A 15 13.91 14.60 -12.42
CA SER A 15 13.84 16.05 -12.39
C SER A 15 12.48 16.57 -12.86
N GLU A 16 11.60 15.73 -13.39
CA GLU A 16 10.27 16.16 -13.80
C GLU A 16 9.31 16.02 -12.63
N THR A 17 8.05 16.33 -12.85
CA THR A 17 7.05 16.36 -11.78
C THR A 17 6.12 15.17 -11.88
N LEU A 18 5.90 14.51 -10.73
CA LEU A 18 4.96 13.40 -10.60
C LEU A 18 3.61 14.01 -10.22
N SER A 19 2.57 13.68 -10.97
CA SER A 19 1.21 14.12 -10.68
C SER A 19 0.30 12.90 -10.57
N LEU A 20 -0.44 12.82 -9.46
CA LEU A 20 -1.42 11.76 -9.28
C LEU A 20 -2.74 12.36 -8.83
N THR A 21 -3.84 11.69 -9.16
CA THR A 21 -5.17 12.11 -8.72
C THR A 21 -5.85 10.94 -8.01
N CYS A 22 -6.62 11.26 -6.98
CA CYS A 22 -7.43 10.28 -6.27
C CYS A 22 -8.88 10.66 -6.48
N THR A 23 -9.66 9.75 -7.05
CA THR A 23 -11.08 9.99 -7.23
C THR A 23 -11.85 9.29 -6.13
N VAL A 24 -12.71 10.03 -5.45
CA VAL A 24 -13.48 9.53 -4.33
C VAL A 24 -14.90 9.28 -4.80
N SER A 25 -15.43 8.10 -4.50
CA SER A 25 -16.82 7.74 -4.76
C SER A 25 -17.44 7.16 -3.50
N GLY A 26 -18.77 7.15 -3.47
CA GLY A 26 -19.48 6.67 -2.31
C GLY A 26 -19.56 7.65 -1.15
N GLY A 27 -19.23 8.92 -1.38
CA GLY A 27 -19.21 9.91 -0.32
C GLY A 27 -18.61 11.20 -0.80
N SER A 28 -18.83 12.30 -0.07
CA SER A 28 -18.37 13.60 -0.52
C SER A 28 -16.98 13.91 0.07
N ILE A 29 -16.08 14.38 -0.77
CA ILE A 29 -14.76 14.74 -0.29
C ILE A 29 -14.80 16.02 0.52
N SER A 30 -15.97 16.67 0.62
CA SER A 30 -16.13 17.89 1.42
C SER A 30 -16.88 17.67 2.74
N SER A 31 -17.14 16.40 3.11
CA SER A 31 -17.87 16.13 4.34
C SER A 31 -17.07 16.58 5.57
N ARG A 32 -17.78 17.07 6.58
CA ARG A 32 -17.14 17.60 7.77
C ARG A 32 -16.37 16.52 8.52
N SER A 33 -15.19 16.89 9.02
CA SER A 33 -14.37 16.05 9.91
C SER A 33 -13.80 14.84 9.20
N TYR A 34 -13.40 15.00 7.94
CA TYR A 34 -12.60 14.03 7.21
C TYR A 34 -11.29 14.69 6.79
N TYR A 35 -10.28 13.85 6.58
CA TYR A 35 -8.99 14.25 6.03
C TYR A 35 -8.59 13.23 4.98
N TRP A 36 -7.71 13.66 4.09
CA TRP A 36 -7.42 12.95 2.86
C TRP A 36 -5.92 12.97 2.69
N GLY A 37 -5.31 11.78 2.61
CA GLY A 37 -3.87 11.67 2.67
C GLY A 37 -3.24 10.94 1.49
N TRP A 38 -1.94 11.21 1.31
CA TRP A 38 -1.12 10.44 0.38
C TRP A 38 -0.01 9.80 1.20
N ILE A 39 0.20 8.49 0.98
CA ILE A 39 1.21 7.70 1.67
C ILE A 39 1.88 6.84 0.60
N ARG A 40 3.20 6.72 0.65
CA ARG A 40 3.88 5.92 -0.37
C ARG A 40 4.71 4.82 0.27
N GLN A 41 5.05 3.84 -0.57
CA GLN A 41 5.74 2.62 -0.15
C GLN A 41 6.75 2.24 -1.22
N PRO A 42 8.03 2.54 -1.02
CA PRO A 42 9.05 2.06 -1.96
C PRO A 42 9.02 0.59 -2.02
N PRO A 43 9.37 -0.03 -3.16
CA PRO A 43 9.33 -1.50 -3.29
C PRO A 43 10.15 -2.17 -2.20
N GLY A 44 9.52 -3.11 -1.49
CA GLY A 44 10.19 -3.85 -0.43
C GLY A 44 10.42 -3.12 0.85
N LYS A 45 9.91 -1.89 0.96
CA LYS A 45 10.13 -1.01 2.11
C LYS A 45 8.81 -0.73 2.82
N GLY A 46 8.87 0.10 3.85
CA GLY A 46 7.72 0.47 4.64
C GLY A 46 6.97 1.68 4.10
N LEU A 47 6.08 2.19 4.93
CA LEU A 47 5.18 3.27 4.55
C LEU A 47 5.70 4.64 4.98
N GLU A 48 5.49 5.63 4.11
CA GLU A 48 5.89 7.01 4.38
C GLU A 48 4.72 7.93 4.09
N TRP A 49 4.27 8.68 5.11
CA TRP A 49 3.23 9.68 4.89
C TRP A 49 3.81 10.85 4.13
N ILE A 50 3.11 11.27 3.07
CA ILE A 50 3.55 12.42 2.28
C ILE A 50 2.90 13.70 2.78
N GLY A 51 1.59 13.66 2.96
CA GLY A 51 0.87 14.82 3.49
C GLY A 51 -0.61 14.50 3.52
N SER A 52 -1.36 15.42 4.15
CA SER A 52 -2.80 15.30 4.23
C SER A 52 -3.45 16.65 4.00
N ILE A 53 -4.67 16.62 3.49
CA ILE A 53 -5.49 17.83 3.45
C ILE A 53 -6.81 17.55 4.13
N TYR A 54 -7.24 18.48 4.98
CA TYR A 54 -8.50 18.34 5.67
C TYR A 54 -9.65 18.85 4.80
N TYR A 55 -10.87 18.42 5.16
CA TYR A 55 -12.09 18.92 4.54
C TYR A 55 -12.15 20.45 4.53
N SER A 56 -11.53 21.08 5.52
CA SER A 56 -11.58 22.53 5.73
C SER A 56 -10.43 23.23 5.02
N GLY A 57 -9.55 22.48 4.35
CA GLY A 57 -8.48 23.09 3.58
C GLY A 57 -7.12 23.06 4.23
N PHE A 58 -7.06 22.76 5.53
CA PHE A 58 -5.78 22.71 6.22
C PHE A 58 -4.94 21.60 5.62
N THR A 59 -3.70 21.93 5.24
N THR A 59 -3.70 21.93 5.26
CA THR A 59 -2.81 20.94 4.64
CA THR A 59 -2.79 20.99 4.61
C THR A 59 -1.56 20.81 5.49
C THR A 59 -1.54 20.83 5.48
N TYR A 60 -1.05 19.59 5.57
CA TYR A 60 0.13 19.29 6.38
C TYR A 60 1.01 18.34 5.58
N TYR A 61 2.33 18.50 5.70
CA TYR A 61 3.28 17.79 4.86
C TYR A 61 4.41 17.16 5.66
N GLN A 62 4.94 16.06 5.12
CA GLN A 62 6.20 15.51 5.59
C GLN A 62 7.26 16.58 5.41
N PRO A 63 7.95 17.00 6.48
CA PRO A 63 8.89 18.13 6.35
C PRO A 63 9.95 17.97 5.27
N SER A 64 10.52 16.78 5.12
CA SER A 64 11.58 16.58 4.13
C SER A 64 11.07 16.74 2.70
N LEU A 65 9.76 16.64 2.49
CA LEU A 65 9.17 16.75 1.16
C LEU A 65 8.48 18.08 0.91
N LYS A 66 8.32 18.93 1.93
CA LYS A 66 7.42 20.07 1.81
C LYS A 66 7.80 20.97 0.64
N SER A 67 9.09 21.16 0.38
CA SER A 67 9.48 22.09 -0.68
C SER A 67 9.10 21.59 -2.07
N ARG A 68 8.74 20.31 -2.21
CA ARG A 68 8.47 19.70 -3.50
C ARG A 68 7.02 19.23 -3.67
N VAL A 69 6.19 19.33 -2.64
CA VAL A 69 4.91 18.65 -2.62
C VAL A 69 3.77 19.66 -2.58
N THR A 70 2.74 19.39 -3.39
CA THR A 70 1.50 20.15 -3.36
C THR A 70 0.35 19.15 -3.33
N ILE A 71 -0.53 19.29 -2.35
CA ILE A 71 -1.76 18.52 -2.29
C ILE A 71 -2.90 19.49 -2.40
N SER A 72 -3.89 19.16 -3.22
CA SER A 72 -5.03 20.04 -3.43
C SER A 72 -6.29 19.22 -3.65
N VAL A 73 -7.44 19.87 -3.51
CA VAL A 73 -8.73 19.21 -3.64
C VAL A 73 -9.53 19.93 -4.73
N ASP A 74 -10.23 19.16 -5.53
CA ASP A 74 -11.23 19.70 -6.46
C ASP A 74 -12.58 19.16 -5.99
N THR A 75 -13.33 20.00 -5.26
CA THR A 75 -14.59 19.52 -4.72
C THR A 75 -15.63 19.32 -5.81
N SER A 76 -15.52 20.07 -6.92
CA SER A 76 -16.46 19.91 -8.04
C SER A 76 -16.38 18.49 -8.59
N LYS A 77 -15.18 17.94 -8.69
CA LYS A 77 -14.96 16.61 -9.25
C LYS A 77 -14.84 15.52 -8.21
N ASN A 78 -14.86 15.87 -6.91
CA ASN A 78 -14.71 14.92 -5.83
C ASN A 78 -13.36 14.19 -5.91
N GLN A 79 -12.32 14.96 -6.16
CA GLN A 79 -10.98 14.43 -6.33
C GLN A 79 -10.00 15.21 -5.47
N PHE A 80 -8.92 14.55 -5.07
CA PHE A 80 -7.78 15.28 -4.53
C PHE A 80 -6.53 14.77 -5.22
N SER A 81 -5.50 15.62 -5.24
N SER A 81 -5.50 15.62 -5.24
CA SER A 81 -4.36 15.39 -6.11
CA SER A 81 -4.35 15.33 -6.08
C SER A 81 -3.04 15.62 -5.37
C SER A 81 -3.05 15.52 -5.31
N LEU A 82 -1.99 15.01 -5.90
CA LEU A 82 -0.63 15.16 -5.42
C LEU A 82 0.25 15.59 -6.58
N LYS A 83 1.08 16.60 -6.36
CA LYS A 83 2.17 16.94 -7.26
C LYS A 83 3.46 16.90 -6.46
N LEU A 84 4.45 16.17 -6.97
CA LEU A 84 5.77 16.06 -6.36
C LEU A 84 6.78 16.46 -7.42
N SER A 85 7.45 17.59 -7.23
CA SER A 85 8.34 18.09 -8.27
C SER A 85 9.75 17.55 -8.06
N SER A 86 10.58 17.72 -9.11
CA SER A 86 12.00 17.37 -9.06
C SER A 86 12.27 15.95 -8.56
N VAL A 87 11.57 14.96 -9.15
CA VAL A 87 11.66 13.62 -8.60
C VAL A 87 13.01 12.99 -8.94
N THR A 88 13.43 12.06 -8.11
CA THR A 88 14.57 11.21 -8.38
C THR A 88 14.17 9.77 -8.11
N ALA A 89 15.11 8.84 -8.29
CA ALA A 89 14.82 7.43 -8.03
C ALA A 89 14.37 7.18 -6.59
N ALA A 90 14.70 8.08 -5.65
CA ALA A 90 14.22 7.94 -4.28
C ALA A 90 12.70 7.98 -4.21
N ASP A 91 12.04 8.52 -5.23
CA ASP A 91 10.60 8.71 -5.25
C ASP A 91 9.89 7.56 -5.92
N THR A 92 10.62 6.58 -6.46
CA THR A 92 9.96 5.38 -6.95
C THR A 92 9.27 4.68 -5.78
N ALA A 93 7.98 4.40 -5.95
CA ALA A 93 7.19 3.85 -4.86
C ALA A 93 5.81 3.52 -5.38
N VAL A 94 5.08 2.71 -4.61
CA VAL A 94 3.64 2.63 -4.77
C VAL A 94 3.03 3.79 -3.99
N TYR A 95 2.23 4.59 -4.66
CA TYR A 95 1.56 5.73 -4.02
C TYR A 95 0.12 5.37 -3.74
N TYR A 96 -0.29 5.54 -2.47
CA TYR A 96 -1.67 5.34 -2.05
C TYR A 96 -2.31 6.67 -1.67
N CYS A 97 -3.54 6.83 -2.08
CA CYS A 97 -4.39 7.78 -1.38
C CYS A 97 -5.20 7.06 -0.30
N ALA A 98 -5.61 7.83 0.70
CA ALA A 98 -6.35 7.25 1.83
C ALA A 98 -7.16 8.35 2.50
N THR A 99 -8.08 7.93 3.35
CA THR A 99 -8.88 8.91 4.08
C THR A 99 -9.05 8.43 5.51
N GLY A 100 -9.38 9.37 6.37
CA GLY A 100 -9.74 9.04 7.74
C GLY A 100 -10.86 9.97 8.20
N GLY A 101 -11.64 9.47 9.14
CA GLY A 101 -12.79 10.20 9.64
C GLY A 101 -14.05 9.37 9.52
N PRO A 102 -15.18 9.88 10.02
CA PRO A 102 -15.33 11.18 10.68
C PRO A 102 -14.72 11.16 12.08
N TYR A 103 -13.92 12.18 12.39
CA TYR A 103 -13.29 12.23 13.69
C TYR A 103 -14.08 13.13 14.63
N GLY A 104 -14.07 12.77 15.91
CA GLY A 104 -14.47 13.66 16.97
C GLY A 104 -13.25 14.38 17.48
N ASP A 105 -12.55 13.80 18.47
CA ASP A 105 -11.19 14.21 18.77
C ASP A 105 -10.33 14.09 17.51
N TYR A 106 -9.29 14.93 17.43
CA TYR A 106 -8.28 14.77 16.38
C TYR A 106 -7.79 13.30 16.30
N ALA A 107 -7.57 12.82 15.08
CA ALA A 107 -6.98 11.50 14.86
C ALA A 107 -6.25 11.52 13.53
N HIS A 108 -5.38 10.49 13.25
CA HIS A 108 -5.03 10.64 11.85
C HIS A 108 -4.64 9.19 11.40
N TRP A 109 -5.47 8.20 11.78
CA TRP A 109 -5.44 6.87 11.19
C TRP A 109 -6.09 6.93 9.81
N PHE A 110 -5.81 5.94 8.98
CA PHE A 110 -6.35 5.94 7.62
C PHE A 110 -7.11 4.66 7.37
N GLU A 111 -8.34 4.78 6.91
CA GLU A 111 -9.17 3.68 6.46
C GLU A 111 -10.47 4.26 5.90
N PRO A 112 -10.84 3.97 4.64
CA PRO A 112 -10.19 3.13 3.65
C PRO A 112 -9.03 3.80 2.91
N TRP A 113 -8.37 2.97 2.10
CA TRP A 113 -7.25 3.35 1.26
C TRP A 113 -7.63 3.10 -0.20
N GLY A 114 -6.91 3.74 -1.11
CA GLY A 114 -6.98 3.36 -2.50
C GLY A 114 -6.29 2.03 -2.72
N GLN A 115 -6.11 1.71 -4.00
CA GLN A 115 -5.48 0.44 -4.38
C GLN A 115 -3.97 0.54 -4.49
N GLY A 116 -3.44 1.75 -4.55
CA GLY A 116 -2.04 1.99 -4.77
C GLY A 116 -1.68 2.00 -6.25
N THR A 117 -0.78 2.89 -6.66
CA THR A 117 -0.31 2.91 -8.04
C THR A 117 1.21 3.06 -8.05
N LEU A 118 1.88 2.19 -8.82
CA LEU A 118 3.33 2.21 -8.83
C LEU A 118 3.79 3.32 -9.75
N VAL A 119 4.71 4.14 -9.27
CA VAL A 119 5.38 5.13 -10.11
C VAL A 119 6.87 4.81 -10.07
N THR A 120 7.46 4.61 -11.25
CA THR A 120 8.90 4.41 -11.36
C THR A 120 9.51 5.69 -11.91
N VAL A 121 10.56 6.16 -11.25
CA VAL A 121 11.28 7.35 -11.71
C VAL A 121 12.53 6.86 -12.44
N SER A 122 12.56 7.04 -13.76
CA SER A 122 13.63 6.50 -14.58
C SER A 122 13.68 7.26 -15.90
N SER A 123 14.89 7.37 -16.46
N SER A 123 14.88 7.36 -16.46
CA SER A 123 15.08 7.94 -17.78
CA SER A 123 15.06 7.94 -17.79
C SER A 123 14.87 6.93 -18.90
C SER A 123 14.89 6.93 -18.90
N ALA A 124 14.71 5.65 -18.56
CA ALA A 124 14.62 4.60 -19.57
C ALA A 124 13.25 4.64 -20.22
N SER A 125 13.20 4.23 -21.48
CA SER A 125 11.95 4.26 -22.22
C SER A 125 11.08 3.06 -21.86
N THR A 126 9.77 3.23 -22.05
N THR A 126 9.77 3.23 -22.05
CA THR A 126 8.85 2.12 -21.86
CA THR A 126 8.88 2.09 -21.90
C THR A 126 9.05 1.08 -22.97
C THR A 126 9.19 1.05 -22.95
N LYS A 127 8.91 -0.19 -22.60
CA LYS A 127 9.05 -1.30 -23.53
C LYS A 127 8.04 -2.35 -23.14
N GLY A 128 7.20 -2.77 -24.10
CA GLY A 128 6.22 -3.79 -23.84
C GLY A 128 6.84 -5.16 -23.94
N PRO A 129 6.20 -6.14 -23.30
CA PRO A 129 6.79 -7.48 -23.19
C PRO A 129 6.60 -8.32 -24.44
N SER A 130 7.48 -9.32 -24.57
CA SER A 130 7.23 -10.46 -25.43
C SER A 130 6.70 -11.57 -24.53
N VAL A 131 5.72 -12.31 -25.01
CA VAL A 131 5.10 -13.38 -24.23
C VAL A 131 5.38 -14.70 -24.92
N PHE A 132 5.97 -15.65 -24.17
CA PHE A 132 6.32 -16.95 -24.71
C PHE A 132 5.60 -18.06 -23.95
N PRO A 133 5.31 -19.17 -24.59
CA PRO A 133 4.61 -20.26 -23.90
C PRO A 133 5.56 -21.07 -23.01
N LEU A 134 5.03 -21.50 -21.86
CA LEU A 134 5.58 -22.56 -21.03
C LEU A 134 4.70 -23.78 -21.31
N ALA A 135 5.15 -24.64 -22.22
CA ALA A 135 4.17 -25.61 -22.71
C ALA A 135 4.17 -26.90 -21.87
N PRO A 136 3.01 -27.51 -21.66
CA PRO A 136 2.92 -28.72 -20.83
C PRO A 136 3.37 -29.98 -21.59
N SER A 137 3.36 -31.10 -20.87
CA SER A 137 3.52 -32.42 -21.48
C SER A 137 2.77 -33.49 -20.68
N THR A 145 -0.56 -34.53 -12.25
CA THR A 145 -1.14 -33.40 -12.96
C THR A 145 -0.10 -32.83 -13.92
N ALA A 146 -0.50 -31.81 -14.69
CA ALA A 146 0.38 -31.11 -15.61
C ALA A 146 0.40 -29.62 -15.29
N ALA A 147 1.48 -28.95 -15.67
CA ALA A 147 1.57 -27.51 -15.48
C ALA A 147 1.85 -26.84 -16.81
N LEU A 148 1.35 -25.63 -16.97
CA LEU A 148 1.65 -24.82 -18.14
C LEU A 148 1.68 -23.36 -17.73
N GLY A 149 2.11 -22.50 -18.64
CA GLY A 149 2.26 -21.12 -18.22
C GLY A 149 2.66 -20.20 -19.35
N CYS A 150 2.92 -18.94 -18.98
CA CYS A 150 3.42 -17.95 -19.92
C CYS A 150 4.61 -17.23 -19.29
N LEU A 151 5.63 -16.98 -20.11
CA LEU A 151 6.83 -16.25 -19.73
C LEU A 151 6.74 -14.87 -20.36
N VAL A 152 6.67 -13.84 -19.50
CA VAL A 152 6.42 -12.46 -19.92
C VAL A 152 7.76 -11.73 -19.80
N LYS A 153 8.46 -11.54 -20.93
CA LYS A 153 9.86 -11.18 -20.85
C LYS A 153 10.13 -9.80 -21.46
N ASP A 154 11.09 -9.10 -20.86
CA ASP A 154 11.71 -7.91 -21.44
C ASP A 154 10.80 -6.69 -21.53
N TYR A 155 10.24 -6.28 -20.40
CA TYR A 155 9.37 -5.12 -20.34
C TYR A 155 9.90 -4.11 -19.34
N PHE A 156 9.41 -2.88 -19.50
CA PHE A 156 9.79 -1.83 -18.56
C PHE A 156 8.77 -0.70 -18.67
N PRO A 157 8.35 -0.08 -17.55
CA PRO A 157 8.66 -0.44 -16.17
C PRO A 157 7.64 -1.48 -15.71
N GLU A 158 7.70 -1.80 -14.43
CA GLU A 158 6.61 -2.56 -13.83
C GLU A 158 5.36 -1.69 -13.78
N PRO A 159 4.17 -2.29 -13.63
CA PRO A 159 3.88 -3.73 -13.51
C PRO A 159 3.23 -4.28 -14.75
N VAL A 160 3.20 -5.61 -14.83
CA VAL A 160 2.29 -6.28 -15.75
C VAL A 160 1.28 -7.04 -14.90
N THR A 161 0.09 -7.23 -15.46
CA THR A 161 -0.87 -8.14 -14.86
C THR A 161 -1.09 -9.31 -15.80
N VAL A 162 -1.40 -10.46 -15.22
CA VAL A 162 -1.66 -11.67 -16.00
C VAL A 162 -2.93 -12.29 -15.42
N SER A 163 -3.88 -12.58 -16.28
CA SER A 163 -5.01 -13.41 -15.93
C SER A 163 -5.03 -14.61 -16.86
N TRP A 164 -5.88 -15.57 -16.53
CA TRP A 164 -6.04 -16.75 -17.36
C TRP A 164 -7.50 -16.88 -17.77
N ASN A 165 -7.73 -17.13 -19.07
CA ASN A 165 -9.09 -17.27 -19.60
C ASN A 165 -9.98 -16.10 -19.18
N SER A 166 -9.42 -14.88 -19.28
CA SER A 166 -10.14 -13.64 -19.02
C SER A 166 -10.64 -13.57 -17.59
N GLY A 167 -9.92 -14.21 -16.67
CA GLY A 167 -10.31 -14.21 -15.27
C GLY A 167 -11.21 -15.34 -14.83
N ALA A 168 -11.60 -16.22 -15.75
CA ALA A 168 -12.42 -17.38 -15.41
C ALA A 168 -11.61 -18.55 -14.84
N LEU A 169 -10.28 -18.54 -14.99
CA LEU A 169 -9.41 -19.58 -14.43
C LEU A 169 -8.50 -18.95 -13.39
N THR A 170 -8.78 -19.25 -12.11
CA THR A 170 -7.97 -18.81 -10.99
C THR A 170 -7.42 -19.95 -10.13
N SER A 171 -8.06 -21.12 -10.16
CA SER A 171 -7.61 -22.28 -9.41
C SER A 171 -6.23 -22.72 -9.88
N GLY A 172 -5.31 -22.85 -8.94
CA GLY A 172 -4.01 -23.36 -9.28
C GLY A 172 -3.14 -22.43 -10.08
N VAL A 173 -3.49 -21.15 -10.14
CA VAL A 173 -2.67 -20.15 -10.84
C VAL A 173 -1.64 -19.59 -9.88
N HIS A 174 -0.40 -19.41 -10.37
CA HIS A 174 0.62 -18.66 -9.65
C HIS A 174 1.29 -17.69 -10.60
N THR A 175 1.20 -16.40 -10.30
CA THR A 175 1.89 -15.35 -11.04
C THR A 175 3.02 -14.82 -10.16
N PHE A 176 4.20 -14.95 -10.62
CA PHE A 176 5.36 -14.75 -9.77
C PHE A 176 5.80 -13.28 -9.78
N PRO A 177 6.48 -12.85 -8.72
CA PRO A 177 7.14 -11.54 -8.76
C PRO A 177 8.10 -11.47 -9.94
N ALA A 178 8.17 -10.29 -10.57
CA ALA A 178 9.13 -10.14 -11.65
C ALA A 178 10.55 -10.07 -11.11
N VAL A 179 11.49 -10.44 -11.97
CA VAL A 179 12.92 -10.26 -11.69
C VAL A 179 13.43 -9.19 -12.63
N LEU A 180 14.35 -8.38 -12.12
CA LEU A 180 15.02 -7.39 -12.93
C LEU A 180 16.28 -8.02 -13.51
N GLN A 181 16.35 -8.10 -14.83
CA GLN A 181 17.48 -8.72 -15.51
C GLN A 181 18.63 -7.71 -15.64
N SER A 182 19.80 -8.22 -16.05
CA SER A 182 20.98 -7.37 -16.21
C SER A 182 20.77 -6.34 -17.31
N SER A 183 19.91 -6.64 -18.27
CA SER A 183 19.55 -5.69 -19.32
C SER A 183 18.80 -4.49 -18.78
N GLY A 184 18.33 -4.53 -17.54
CA GLY A 184 17.48 -3.48 -17.03
C GLY A 184 16.02 -3.65 -17.34
N LEU A 185 15.63 -4.76 -17.95
CA LEU A 185 14.24 -5.06 -18.24
C LEU A 185 13.77 -6.15 -17.30
N TYR A 186 12.46 -6.19 -17.08
CA TYR A 186 11.85 -7.16 -16.19
C TYR A 186 11.39 -8.42 -16.92
N SER A 187 11.25 -9.50 -16.17
CA SER A 187 10.70 -10.72 -16.72
C SER A 187 9.91 -11.40 -15.60
N LEU A 188 8.75 -11.95 -15.94
CA LEU A 188 8.06 -12.77 -14.96
C LEU A 188 7.40 -13.96 -15.65
N SER A 189 7.03 -14.92 -14.83
CA SER A 189 6.23 -16.03 -15.30
C SER A 189 4.90 -16.12 -14.57
N SER A 190 3.91 -16.69 -15.28
CA SER A 190 2.63 -17.07 -14.69
C SER A 190 2.34 -18.50 -15.09
N VAL A 191 1.94 -19.33 -14.13
CA VAL A 191 1.73 -20.75 -14.39
C VAL A 191 0.38 -21.17 -13.83
N VAL A 192 -0.09 -22.31 -14.32
CA VAL A 192 -1.33 -22.90 -13.81
C VAL A 192 -1.20 -24.41 -13.91
N THR A 193 -1.71 -25.12 -12.92
CA THR A 193 -1.71 -26.58 -12.98
C THR A 193 -3.10 -27.08 -13.35
N VAL A 194 -3.13 -28.04 -14.27
CA VAL A 194 -4.37 -28.55 -14.86
C VAL A 194 -4.27 -30.07 -15.02
N PRO A 195 -5.37 -30.76 -15.30
CA PRO A 195 -5.31 -32.22 -15.47
C PRO A 195 -4.53 -32.61 -16.71
N SER A 196 -3.66 -33.61 -16.56
CA SER A 196 -2.91 -34.08 -17.72
C SER A 196 -3.83 -34.62 -18.81
N SER A 197 -4.99 -35.15 -18.43
CA SER A 197 -5.96 -35.64 -19.40
C SER A 197 -6.75 -34.53 -20.07
N SER A 198 -6.62 -33.29 -19.60
CA SER A 198 -7.39 -32.17 -20.13
C SER A 198 -6.67 -31.42 -21.25
N LEU A 199 -5.38 -31.70 -21.46
CA LEU A 199 -4.56 -30.87 -22.34
C LEU A 199 -5.05 -30.90 -23.78
N GLY A 200 -5.67 -32.01 -24.21
CA GLY A 200 -6.12 -32.11 -25.59
C GLY A 200 -7.45 -31.45 -25.88
N THR A 201 -8.28 -31.26 -24.85
CA THR A 201 -9.64 -30.76 -25.02
C THR A 201 -9.78 -29.28 -24.72
N GLN A 202 -9.16 -28.81 -23.65
CA GLN A 202 -9.54 -27.56 -22.99
C GLN A 202 -8.56 -26.49 -23.42
N THR A 203 -9.03 -25.24 -23.48
CA THR A 203 -8.22 -24.11 -23.94
C THR A 203 -7.73 -23.27 -22.78
N TYR A 204 -6.46 -22.87 -22.83
CA TYR A 204 -5.83 -22.09 -21.78
C TYR A 204 -5.14 -20.90 -22.41
N ILE A 205 -5.58 -19.70 -22.06
CA ILE A 205 -5.07 -18.47 -22.64
C ILE A 205 -4.64 -17.56 -21.50
N CYS A 206 -3.40 -17.09 -21.54
CA CYS A 206 -2.98 -16.08 -20.58
C CYS A 206 -3.17 -14.69 -21.17
N ASN A 207 -3.69 -13.77 -20.36
CA ASN A 207 -4.03 -12.44 -20.82
C ASN A 207 -3.03 -11.53 -20.11
N VAL A 208 -2.12 -10.94 -20.85
CA VAL A 208 -1.06 -10.10 -20.30
C VAL A 208 -1.39 -8.66 -20.61
N ASN A 209 -1.33 -7.79 -19.61
CA ASN A 209 -1.59 -6.37 -19.77
C ASN A 209 -0.42 -5.60 -19.17
N HIS A 210 0.23 -4.80 -20.00
CA HIS A 210 1.33 -3.92 -19.58
C HIS A 210 0.84 -2.51 -19.85
N LYS A 211 0.17 -1.93 -18.86
CA LYS A 211 -0.40 -0.60 -19.06
C LYS A 211 0.61 0.47 -19.44
N PRO A 212 1.83 0.51 -18.89
CA PRO A 212 2.75 1.59 -19.26
C PRO A 212 3.05 1.70 -20.75
N SER A 213 2.96 0.60 -21.50
CA SER A 213 3.17 0.63 -22.94
C SER A 213 1.89 0.43 -23.73
N ASN A 214 0.73 0.39 -23.04
CA ASN A 214 -0.54 0.03 -23.66
C ASN A 214 -0.42 -1.23 -24.52
N THR A 215 0.26 -2.24 -23.97
CA THR A 215 0.46 -3.54 -24.64
C THR A 215 -0.44 -4.58 -23.99
N LYS A 216 -1.30 -5.21 -24.78
CA LYS A 216 -2.10 -6.34 -24.31
C LYS A 216 -1.77 -7.52 -25.20
N VAL A 217 -1.57 -8.69 -24.59
CA VAL A 217 -1.29 -9.90 -25.36
C VAL A 217 -2.16 -11.03 -24.81
N ASP A 218 -2.82 -11.78 -25.70
CA ASP A 218 -3.51 -13.01 -25.33
C ASP A 218 -2.76 -14.16 -25.96
N LYS A 219 -2.23 -15.06 -25.14
CA LYS A 219 -1.41 -16.16 -25.62
C LYS A 219 -2.08 -17.49 -25.27
N ARG A 220 -2.52 -18.23 -26.29
CA ARG A 220 -3.00 -19.59 -26.07
C ARG A 220 -1.80 -20.50 -25.91
N VAL A 221 -1.80 -21.33 -24.86
CA VAL A 221 -0.71 -22.24 -24.54
C VAL A 221 -1.25 -23.66 -24.67
N GLU A 222 -0.61 -24.48 -25.49
CA GLU A 222 -0.97 -25.86 -25.74
C GLU A 222 0.25 -26.76 -25.63
N PRO A 223 0.05 -28.05 -25.41
CA PRO A 223 1.17 -29.00 -25.60
C PRO A 223 1.80 -28.82 -26.98
N LYS A 224 3.13 -28.89 -27.03
CA LYS A 224 3.83 -28.73 -28.29
C LYS A 224 3.62 -29.96 -29.16
N SER A 225 3.34 -29.73 -30.45
CA SER A 225 3.04 -30.82 -31.38
C SER A 225 4.32 -31.46 -31.88
N CYS A 226 4.30 -32.79 -32.02
CA CYS A 226 5.49 -33.54 -32.40
C CYS A 226 5.12 -34.77 -33.22
N GLU B 1 11.44 13.91 14.57
CA GLU B 1 10.34 12.98 14.35
C GLU B 1 10.41 11.79 15.30
N ILE B 2 9.26 11.14 15.49
CA ILE B 2 9.19 9.93 16.29
C ILE B 2 9.49 8.75 15.37
N VAL B 3 10.56 8.04 15.68
CA VAL B 3 10.93 6.83 14.96
C VAL B 3 10.28 5.65 15.65
N LEU B 4 9.60 4.80 14.87
CA LEU B 4 8.97 3.59 15.38
C LEU B 4 9.80 2.39 14.95
N THR B 5 10.16 1.54 15.92
CA THR B 5 10.95 0.35 15.66
C THR B 5 10.12 -0.88 16.00
N GLN B 6 9.84 -1.70 14.99
CA GLN B 6 9.08 -2.92 15.19
C GLN B 6 10.00 -4.11 15.41
N SER B 7 9.56 -5.02 16.26
CA SER B 7 10.27 -6.26 16.56
C SER B 7 9.24 -7.34 16.82
N PRO B 8 9.54 -8.60 16.50
CA PRO B 8 10.74 -8.98 15.71
C PRO B 8 10.52 -8.57 14.27
N GLY B 9 11.54 -8.61 13.43
CA GLY B 9 11.33 -8.28 12.04
C GLY B 9 10.51 -9.31 11.29
N THR B 10 10.66 -10.57 11.67
CA THR B 10 9.90 -11.67 11.08
C THR B 10 9.44 -12.57 12.20
N LEU B 11 8.27 -13.18 12.00
CA LEU B 11 7.67 -14.08 12.98
C LEU B 11 7.06 -15.24 12.19
N SER B 12 7.20 -16.47 12.72
CA SER B 12 6.63 -17.64 12.07
C SER B 12 5.94 -18.47 13.15
N LEU B 13 4.61 -18.59 13.06
CA LEU B 13 3.83 -19.23 14.13
C LEU B 13 2.76 -20.15 13.54
N SER B 14 2.37 -21.17 14.34
CA SER B 14 1.34 -22.11 13.90
C SER B 14 -0.06 -21.53 14.08
N PRO B 15 -1.02 -21.99 13.28
CA PRO B 15 -2.41 -21.52 13.45
C PRO B 15 -2.91 -21.93 14.82
N GLY B 16 -3.80 -21.10 15.39
CA GLY B 16 -4.30 -21.31 16.73
C GLY B 16 -3.41 -20.75 17.82
N GLU B 17 -2.17 -20.39 17.50
CA GLU B 17 -1.27 -19.81 18.47
C GLU B 17 -1.52 -18.30 18.54
N ARG B 18 -0.83 -17.65 19.47
CA ARG B 18 -0.93 -16.21 19.67
C ARG B 18 0.33 -15.50 19.19
N ALA B 19 0.14 -14.51 18.33
CA ALA B 19 1.21 -13.62 17.89
C ALA B 19 1.22 -12.33 18.72
N THR B 20 2.41 -11.93 19.15
CA THR B 20 2.62 -10.69 19.89
C THR B 20 3.64 -9.87 19.12
N LEU B 21 3.21 -8.73 18.58
CA LEU B 21 4.04 -7.88 17.76
C LEU B 21 4.30 -6.58 18.51
N SER B 22 5.55 -6.13 18.51
CA SER B 22 5.94 -4.97 19.30
C SER B 22 6.24 -3.76 18.43
N CYS B 23 5.86 -2.59 18.92
CA CYS B 23 6.17 -1.32 18.28
C CYS B 23 6.75 -0.42 19.35
N ARG B 24 8.00 -0.02 19.19
CA ARG B 24 8.65 0.83 20.17
C ARG B 24 9.17 2.18 19.65
N ALA B 25 8.76 3.22 20.36
CA ALA B 25 8.87 4.58 19.86
C ALA B 25 10.07 5.29 20.49
N SER B 26 10.68 6.16 19.69
CA SER B 26 11.88 6.87 20.11
C SER B 26 11.59 7.89 21.20
N GLN B 27 10.34 8.32 21.32
CA GLN B 27 9.92 9.18 22.42
C GLN B 27 8.45 8.89 22.66
N SER B 28 7.94 9.35 23.81
CA SER B 28 6.58 8.99 24.20
C SER B 28 5.58 9.46 23.15
N VAL B 29 4.60 8.61 22.85
CA VAL B 29 3.60 8.91 21.85
C VAL B 29 2.37 9.44 22.59
N SER B 30 2.01 10.68 22.27
CA SER B 30 0.96 11.40 22.97
C SER B 30 -0.39 10.71 22.82
N SER B 31 -1.07 10.51 23.96
CA SER B 31 -2.48 10.10 24.00
C SER B 31 -2.73 8.69 23.45
N SER B 32 -1.73 7.80 23.53
CA SER B 32 -1.89 6.45 22.97
C SER B 32 -2.33 6.49 21.49
N TYR B 33 -1.90 7.52 20.76
CA TYR B 33 -2.26 7.77 19.36
C TYR B 33 -1.44 6.89 18.42
N LEU B 34 -1.65 5.61 18.56
CA LEU B 34 -0.89 4.65 17.78
C LEU B 34 -1.89 3.73 17.13
N ALA B 35 -1.66 3.44 15.86
CA ALA B 35 -2.53 2.60 15.07
C ALA B 35 -1.73 1.41 14.54
N TRP B 36 -2.44 0.35 14.20
CA TRP B 36 -1.84 -0.84 13.61
C TRP B 36 -2.57 -1.18 12.33
N TYR B 37 -1.79 -1.64 11.32
CA TYR B 37 -2.30 -2.01 10.00
C TYR B 37 -1.83 -3.41 9.62
N GLN B 38 -2.67 -4.10 8.86
CA GLN B 38 -2.33 -5.36 8.23
C GLN B 38 -2.18 -5.12 6.73
N GLN B 39 -1.07 -5.56 6.14
CA GLN B 39 -0.91 -5.43 4.69
C GLN B 39 -0.70 -6.79 4.05
N LYS B 40 -1.72 -7.28 3.36
CA LYS B 40 -1.61 -8.52 2.62
C LYS B 40 -0.97 -8.28 1.27
N PRO B 41 -0.42 -9.33 0.63
CA PRO B 41 0.34 -9.12 -0.61
C PRO B 41 -0.49 -8.47 -1.70
N GLY B 42 0.06 -7.39 -2.27
CA GLY B 42 -0.56 -6.69 -3.36
C GLY B 42 -1.70 -5.78 -2.97
N GLN B 43 -2.02 -5.69 -1.69
CA GLN B 43 -3.14 -4.91 -1.20
C GLN B 43 -2.66 -3.66 -0.45
N ALA B 44 -3.58 -2.72 -0.30
CA ALA B 44 -3.33 -1.59 0.58
C ALA B 44 -3.33 -2.06 2.04
N PRO B 45 -2.64 -1.34 2.92
CA PRO B 45 -2.79 -1.61 4.35
C PRO B 45 -4.24 -1.47 4.79
N ARG B 46 -4.62 -2.33 5.74
CA ARG B 46 -5.95 -2.34 6.34
C ARG B 46 -5.82 -1.98 7.81
N LEU B 47 -6.56 -0.97 8.25
CA LEU B 47 -6.53 -0.57 9.65
C LEU B 47 -7.13 -1.66 10.53
N LEU B 48 -6.38 -2.04 11.57
CA LEU B 48 -6.82 -3.00 12.57
C LEU B 48 -7.23 -2.32 13.87
N ILE B 49 -6.38 -1.42 14.37
CA ILE B 49 -6.50 -0.85 15.70
C ILE B 49 -6.14 0.63 15.61
N TYR B 50 -6.85 1.47 16.34
CA TYR B 50 -6.49 2.88 16.46
C TYR B 50 -6.55 3.27 17.93
N GLY B 51 -5.85 4.35 18.27
CA GLY B 51 -5.83 4.80 19.65
C GLY B 51 -5.24 3.75 20.57
N ALA B 52 -4.27 2.98 20.07
CA ALA B 52 -3.57 1.90 20.78
C ALA B 52 -4.43 0.65 21.01
N SER B 53 -5.73 0.81 21.29
CA SER B 53 -6.53 -0.31 21.80
C SER B 53 -7.94 -0.43 21.21
N SER B 54 -8.39 0.51 20.37
CA SER B 54 -9.73 0.45 19.81
C SER B 54 -9.72 -0.33 18.50
N ARG B 55 -10.61 -1.31 18.38
CA ARG B 55 -10.69 -2.11 17.15
C ARG B 55 -11.44 -1.35 16.07
N ALA B 56 -10.90 -1.35 14.85
CA ALA B 56 -11.59 -0.76 13.72
C ALA B 56 -12.83 -1.60 13.39
N THR B 57 -13.82 -0.94 12.79
CA THR B 57 -15.04 -1.63 12.41
C THR B 57 -14.72 -2.77 11.45
N GLY B 58 -15.31 -3.94 11.70
CA GLY B 58 -15.12 -5.08 10.84
C GLY B 58 -13.94 -5.94 11.17
N ILE B 59 -13.19 -5.61 12.21
CA ILE B 59 -11.98 -6.34 12.59
C ILE B 59 -12.33 -7.37 13.66
N PRO B 60 -11.90 -8.63 13.52
CA PRO B 60 -12.29 -9.67 14.48
C PRO B 60 -11.74 -9.40 15.87
N ASP B 61 -12.45 -9.92 16.87
CA ASP B 61 -12.05 -9.78 18.28
C ASP B 61 -10.68 -10.36 18.58
N ARG B 62 -10.19 -11.30 17.76
CA ARG B 62 -8.88 -11.87 18.03
C ARG B 62 -7.73 -10.88 17.84
N PHE B 63 -7.97 -9.73 17.21
CA PHE B 63 -6.97 -8.66 17.14
C PHE B 63 -7.14 -7.70 18.31
N SER B 64 -6.07 -7.46 19.03
CA SER B 64 -6.09 -6.60 20.21
C SER B 64 -4.86 -5.72 20.17
N GLY B 65 -5.00 -4.48 20.65
CA GLY B 65 -3.86 -3.60 20.81
C GLY B 65 -3.77 -3.12 22.24
N SER B 66 -2.56 -2.86 22.69
CA SER B 66 -2.33 -2.37 24.05
C SER B 66 -1.00 -1.62 24.09
N GLY B 67 -0.73 -0.99 25.22
CA GLY B 67 0.53 -0.31 25.43
C GLY B 67 0.35 1.18 25.60
N SER B 68 1.46 1.83 25.95
CA SER B 68 1.46 3.27 26.20
C SER B 68 2.89 3.75 26.30
N GLY B 69 3.05 5.07 26.30
CA GLY B 69 4.36 5.70 26.38
C GLY B 69 5.18 5.39 25.15
N THR B 70 6.17 4.51 25.29
CA THR B 70 7.02 4.14 24.17
C THR B 70 6.88 2.70 23.73
N ASP B 71 6.04 1.88 24.37
CA ASP B 71 6.01 0.46 24.08
C ASP B 71 4.56 0.07 23.79
N PHE B 72 4.31 -0.42 22.59
CA PHE B 72 2.98 -0.80 22.14
C PHE B 72 3.01 -2.21 21.58
N THR B 73 1.86 -2.88 21.62
N THR B 73 1.92 -2.94 21.76
CA THR B 73 1.81 -4.27 21.21
CA THR B 73 1.83 -4.27 21.14
C THR B 73 0.52 -4.56 20.47
C THR B 73 0.54 -4.44 20.36
N LEU B 74 0.64 -5.30 19.35
CA LEU B 74 -0.50 -5.88 18.66
C LEU B 74 -0.51 -7.36 18.99
N THR B 75 -1.66 -7.88 19.39
CA THR B 75 -1.79 -9.29 19.72
C THR B 75 -2.79 -9.90 18.75
N ILE B 76 -2.43 -11.02 18.12
CA ILE B 76 -3.36 -11.73 17.25
C ILE B 76 -3.50 -13.11 17.87
N SER B 77 -4.64 -13.35 18.52
N SER B 77 -4.63 -13.35 18.51
CA SER B 77 -4.91 -14.66 19.09
CA SER B 77 -4.85 -14.68 19.06
C SER B 77 -5.57 -15.56 18.04
C SER B 77 -5.49 -15.57 18.00
N ARG B 78 -5.45 -16.88 18.28
CA ARG B 78 -6.04 -17.90 17.43
C ARG B 78 -5.70 -17.66 15.96
N LEU B 79 -4.40 -17.64 15.67
CA LEU B 79 -3.94 -17.32 14.33
C LEU B 79 -4.58 -18.22 13.29
N GLU B 80 -4.86 -17.64 12.12
CA GLU B 80 -5.39 -18.37 10.98
C GLU B 80 -4.46 -18.20 9.78
N PRO B 81 -4.45 -19.14 8.82
CA PRO B 81 -3.54 -18.98 7.67
C PRO B 81 -3.70 -17.66 6.96
N GLU B 82 -4.94 -17.14 6.90
CA GLU B 82 -5.16 -15.87 6.25
C GLU B 82 -4.59 -14.69 7.02
N ASP B 83 -4.02 -14.91 8.21
CA ASP B 83 -3.34 -13.83 8.92
C ASP B 83 -1.95 -13.56 8.41
N PHE B 84 -1.45 -14.33 7.44
CA PHE B 84 -0.16 -14.01 6.85
C PHE B 84 -0.22 -12.61 6.26
N ALA B 85 0.76 -11.79 6.60
CA ALA B 85 0.78 -10.39 6.18
C ALA B 85 2.01 -9.73 6.76
N VAL B 86 2.29 -8.49 6.32
CA VAL B 86 3.19 -7.60 7.02
C VAL B 86 2.34 -6.65 7.86
N TYR B 87 2.69 -6.51 9.13
CA TYR B 87 1.94 -5.66 10.04
C TYR B 87 2.75 -4.42 10.34
N TYR B 88 2.10 -3.23 10.30
CA TYR B 88 2.77 -1.95 10.53
C TYR B 88 2.11 -1.17 11.67
N CYS B 89 2.93 -0.55 12.49
CA CYS B 89 2.41 0.47 13.41
C CYS B 89 2.60 1.87 12.84
N GLN B 90 1.81 2.80 13.37
CA GLN B 90 1.76 4.18 12.94
C GLN B 90 1.54 5.06 14.16
N GLN B 91 2.28 6.14 14.27
CA GLN B 91 1.97 7.10 15.33
C GLN B 91 1.44 8.38 14.71
N TYR B 92 0.49 9.00 15.42
CA TYR B 92 -0.02 10.28 14.99
C TYR B 92 -0.14 11.23 16.18
N GLY B 93 0.74 11.04 17.16
CA GLY B 93 0.79 11.99 18.29
C GLY B 93 1.60 13.23 18.00
N SER B 94 2.41 13.21 16.95
CA SER B 94 3.14 14.39 16.54
C SER B 94 3.38 14.33 15.04
N SER B 95 3.67 15.48 14.48
CA SER B 95 3.98 15.56 13.06
C SER B 95 5.49 15.58 12.88
N PRO B 96 6.05 14.86 11.88
CA PRO B 96 5.31 14.12 10.85
C PRO B 96 4.71 12.82 11.36
N ILE B 97 3.59 12.44 10.76
CA ILE B 97 3.06 11.10 10.92
C ILE B 97 4.14 10.13 10.50
N THR B 98 4.38 9.09 11.29
CA THR B 98 5.42 8.09 10.96
C THR B 98 4.90 6.67 11.15
N PHE B 99 5.57 5.73 10.47
CA PHE B 99 5.24 4.31 10.51
C PHE B 99 6.48 3.51 10.86
N GLY B 100 6.27 2.35 11.50
CA GLY B 100 7.33 1.38 11.69
C GLY B 100 7.68 0.71 10.37
N GLN B 101 8.76 -0.08 10.39
CA GLN B 101 9.19 -0.73 9.15
C GLN B 101 8.55 -2.10 8.93
N GLY B 102 7.72 -2.57 9.84
CA GLY B 102 6.89 -3.74 9.62
C GLY B 102 7.44 -4.99 10.27
N THR B 103 6.53 -5.88 10.63
CA THR B 103 6.87 -7.25 11.00
C THR B 103 6.16 -8.19 10.03
N ARG B 104 6.92 -9.10 9.40
CA ARG B 104 6.33 -10.08 8.49
C ARG B 104 5.93 -11.31 9.30
N LEU B 105 4.65 -11.65 9.25
CA LEU B 105 4.17 -12.82 9.99
C LEU B 105 3.89 -13.94 8.99
N GLU B 106 4.63 -15.05 9.11
CA GLU B 106 4.37 -16.26 8.37
C GLU B 106 3.58 -17.22 9.24
N ILE B 107 2.64 -17.95 8.64
CA ILE B 107 1.83 -18.94 9.35
C ILE B 107 2.35 -20.31 8.96
N LYS B 108 2.79 -21.08 9.95
CA LYS B 108 3.40 -22.38 9.72
C LYS B 108 2.36 -23.39 9.30
N ARG B 109 2.85 -24.44 8.66
CA ARG B 109 2.01 -25.58 8.31
C ARG B 109 2.94 -26.79 8.26
N THR B 110 2.35 -27.96 8.05
CA THR B 110 3.16 -29.15 7.92
C THR B 110 4.01 -29.08 6.64
N VAL B 111 5.11 -29.84 6.66
CA VAL B 111 6.00 -29.91 5.50
C VAL B 111 5.23 -30.43 4.29
N ALA B 112 5.43 -29.76 3.15
CA ALA B 112 4.84 -30.16 1.88
C ALA B 112 5.93 -30.11 0.82
N ALA B 113 6.19 -31.24 0.16
CA ALA B 113 7.18 -31.27 -0.88
C ALA B 113 6.67 -30.57 -2.13
N PRO B 114 7.55 -29.90 -2.88
CA PRO B 114 7.14 -29.28 -4.14
C PRO B 114 6.84 -30.31 -5.21
N SER B 115 5.94 -29.97 -6.11
N SER B 115 5.89 -29.97 -6.07
CA SER B 115 5.77 -30.68 -7.38
CA SER B 115 5.76 -30.61 -7.37
C SER B 115 6.48 -29.88 -8.46
C SER B 115 6.66 -29.82 -8.31
N VAL B 116 7.43 -30.53 -9.14
CA VAL B 116 8.43 -29.88 -9.97
C VAL B 116 8.11 -30.09 -11.44
N PHE B 117 8.32 -29.03 -12.22
CA PHE B 117 8.08 -29.04 -13.67
C PHE B 117 9.19 -28.28 -14.37
N ILE B 118 9.60 -28.76 -15.54
CA ILE B 118 10.59 -28.06 -16.36
C ILE B 118 9.99 -27.72 -17.71
N PHE B 119 10.36 -26.54 -18.23
CA PHE B 119 9.83 -26.02 -19.51
C PHE B 119 10.97 -25.63 -20.44
N PRO B 120 11.03 -26.18 -21.66
CA PRO B 120 12.03 -25.73 -22.62
C PRO B 120 11.70 -24.35 -23.16
N PRO B 121 12.70 -23.67 -23.75
CA PRO B 121 12.42 -22.44 -24.48
C PRO B 121 11.56 -22.69 -25.70
N SER B 122 10.75 -21.70 -26.02
CA SER B 122 9.89 -21.77 -27.19
C SER B 122 10.68 -21.51 -28.47
N ASP B 123 10.19 -22.06 -29.59
CA ASP B 123 10.85 -21.81 -30.87
C ASP B 123 10.80 -20.32 -31.20
N GLU B 124 9.70 -19.65 -30.84
CA GLU B 124 9.57 -18.22 -31.11
C GLU B 124 10.67 -17.43 -30.41
N GLN B 125 10.97 -17.75 -29.15
CA GLN B 125 12.01 -17.01 -28.46
C GLN B 125 13.40 -17.29 -29.07
N LEU B 126 13.66 -18.55 -29.42
CA LEU B 126 14.96 -18.91 -29.96
C LEU B 126 15.31 -18.11 -31.20
N LYS B 127 14.30 -17.64 -31.95
CA LYS B 127 14.58 -16.97 -33.20
C LYS B 127 15.15 -15.59 -32.98
N SER B 128 15.01 -15.04 -31.77
CA SER B 128 15.59 -13.74 -31.44
C SER B 128 16.92 -13.85 -30.69
N GLY B 129 17.46 -15.06 -30.52
CA GLY B 129 18.83 -15.23 -30.10
C GLY B 129 19.05 -15.65 -28.66
N THR B 130 17.98 -15.81 -27.88
CA THR B 130 18.08 -16.13 -26.46
C THR B 130 17.18 -17.31 -26.13
N ALA B 131 17.57 -18.08 -25.12
CA ALA B 131 16.79 -19.20 -24.64
C ALA B 131 16.57 -19.05 -23.14
N SER B 132 15.31 -19.10 -22.73
CA SER B 132 14.99 -19.12 -21.31
C SER B 132 14.42 -20.50 -21.00
N VAL B 133 14.98 -21.17 -20.00
CA VAL B 133 14.51 -22.48 -19.57
C VAL B 133 13.95 -22.25 -18.17
N VAL B 134 12.76 -22.78 -17.88
CA VAL B 134 12.06 -22.45 -16.64
C VAL B 134 11.82 -23.73 -15.83
N CYS B 135 12.11 -23.65 -14.54
N CYS B 135 12.09 -23.64 -14.52
CA CYS B 135 11.79 -24.72 -13.61
CA CYS B 135 11.84 -24.72 -13.56
C CYS B 135 10.81 -24.17 -12.59
C CYS B 135 10.87 -24.22 -12.52
N LEU B 136 9.73 -24.91 -12.36
CA LEU B 136 8.67 -24.52 -11.44
C LEU B 136 8.63 -25.51 -10.29
N LEU B 137 8.62 -24.97 -9.06
CA LEU B 137 8.44 -25.72 -7.83
C LEU B 137 7.10 -25.27 -7.26
N ASN B 138 6.12 -26.16 -7.22
CA ASN B 138 4.76 -25.78 -6.90
C ASN B 138 4.35 -26.26 -5.50
N ASN B 139 3.86 -25.30 -4.69
CA ASN B 139 3.06 -25.54 -3.50
C ASN B 139 3.83 -26.34 -2.44
N PHE B 140 4.90 -25.74 -1.93
CA PHE B 140 5.76 -26.41 -0.96
C PHE B 140 5.84 -25.59 0.32
N TYR B 141 6.29 -26.27 1.38
CA TYR B 141 6.56 -25.63 2.66
C TYR B 141 7.56 -26.48 3.43
N PRO B 142 8.58 -25.89 4.07
CA PRO B 142 8.90 -24.46 4.23
C PRO B 142 9.47 -23.79 2.98
N ARG B 143 9.73 -22.49 3.10
CA ARG B 143 10.15 -21.68 1.95
C ARG B 143 11.52 -22.07 1.43
N GLU B 144 12.38 -22.60 2.29
CA GLU B 144 13.75 -22.94 1.89
C GLU B 144 13.75 -24.06 0.86
N ALA B 145 14.33 -23.77 -0.30
CA ALA B 145 14.41 -24.76 -1.36
C ALA B 145 15.63 -24.45 -2.20
N LYS B 146 16.23 -25.52 -2.73
CA LYS B 146 17.39 -25.40 -3.61
C LYS B 146 17.10 -25.91 -5.01
N VAL B 147 17.37 -25.07 -6.01
CA VAL B 147 17.26 -25.41 -7.43
C VAL B 147 18.67 -25.41 -8.00
N GLN B 148 19.05 -26.53 -8.61
CA GLN B 148 20.34 -26.65 -9.30
C GLN B 148 20.08 -27.00 -10.76
N TRP B 149 20.48 -26.11 -11.64
CA TRP B 149 20.37 -26.36 -13.08
C TRP B 149 21.60 -27.11 -13.55
N LYS B 150 21.37 -28.10 -14.40
CA LYS B 150 22.43 -28.85 -15.05
C LYS B 150 22.19 -28.91 -16.54
N VAL B 151 23.25 -28.74 -17.31
CA VAL B 151 23.18 -28.80 -18.76
C VAL B 151 24.23 -29.84 -19.14
N ASP B 152 23.78 -31.00 -19.64
CA ASP B 152 24.67 -32.14 -19.89
C ASP B 152 25.58 -32.43 -18.71
N ASN B 153 24.99 -32.38 -17.51
CA ASN B 153 25.65 -32.63 -16.22
C ASN B 153 26.57 -31.53 -15.73
N ALA B 154 26.67 -30.40 -16.44
CA ALA B 154 27.47 -29.28 -15.97
C ALA B 154 26.57 -28.42 -15.10
N LEU B 155 26.99 -28.22 -13.85
CA LEU B 155 26.25 -27.40 -12.90
C LEU B 155 26.33 -25.94 -13.34
N GLN B 156 25.17 -25.31 -13.49
CA GLN B 156 25.11 -23.92 -13.94
C GLN B 156 25.06 -23.02 -12.71
N SER B 157 25.81 -21.93 -12.78
CA SER B 157 25.79 -20.95 -11.72
C SER B 157 25.92 -19.55 -12.34
N GLY B 158 25.22 -18.58 -11.75
CA GLY B 158 25.35 -17.20 -12.19
C GLY B 158 24.47 -16.82 -13.37
N ASN B 159 23.80 -17.79 -13.99
CA ASN B 159 23.00 -17.57 -15.19
C ASN B 159 21.53 -17.89 -14.93
N SER B 160 21.08 -17.84 -13.68
CA SER B 160 19.68 -18.08 -13.36
C SER B 160 19.19 -17.00 -12.41
N GLN B 161 17.89 -16.73 -12.48
CA GLN B 161 17.21 -15.88 -11.50
C GLN B 161 15.96 -16.59 -11.04
N GLU B 162 15.58 -16.36 -9.79
CA GLU B 162 14.38 -17.00 -9.30
C GLU B 162 13.55 -16.00 -8.55
N SER B 163 12.27 -16.37 -8.42
CA SER B 163 11.39 -15.64 -7.54
C SER B 163 10.36 -16.57 -6.93
N VAL B 164 9.83 -16.12 -5.79
CA VAL B 164 8.97 -16.94 -4.94
C VAL B 164 7.69 -16.17 -4.69
N THR B 165 6.55 -16.85 -4.76
CA THR B 165 5.29 -16.18 -4.44
C THR B 165 5.23 -15.91 -2.95
N GLU B 166 4.31 -15.03 -2.61
CA GLU B 166 3.98 -14.87 -1.21
C GLU B 166 3.24 -16.10 -0.72
N GLN B 167 3.25 -16.26 0.59
CA GLN B 167 2.58 -17.40 1.16
C GLN B 167 1.12 -17.40 0.75
N ASP B 168 0.66 -18.55 0.31
CA ASP B 168 -0.74 -18.70 -0.05
C ASP B 168 -1.62 -18.51 1.19
N SER B 169 -2.66 -17.69 1.06
CA SER B 169 -3.48 -17.32 2.21
C SER B 169 -4.43 -18.42 2.67
N LYS B 170 -4.59 -19.48 1.88
CA LYS B 170 -5.41 -20.63 2.26
C LYS B 170 -4.60 -21.86 2.62
N ASP B 171 -3.64 -22.28 1.78
CA ASP B 171 -2.89 -23.51 2.03
C ASP B 171 -1.50 -23.26 2.59
N SER B 172 -1.10 -21.99 2.75
CA SER B 172 0.11 -21.59 3.46
C SER B 172 1.39 -22.07 2.78
N THR B 173 1.31 -22.46 1.51
CA THR B 173 2.48 -22.90 0.77
C THR B 173 3.09 -21.76 -0.05
N TYR B 174 4.28 -22.04 -0.55
CA TYR B 174 5.00 -21.18 -1.47
C TYR B 174 5.13 -21.89 -2.81
N SER B 175 5.38 -21.10 -3.84
CA SER B 175 5.83 -21.65 -5.12
C SER B 175 6.99 -20.82 -5.62
N LEU B 176 7.83 -21.44 -6.47
CA LEU B 176 9.05 -20.80 -6.91
C LEU B 176 9.25 -21.03 -8.40
N SER B 177 9.71 -20.00 -9.10
CA SER B 177 10.07 -20.12 -10.52
C SER B 177 11.53 -19.74 -10.68
N SER B 178 12.30 -20.60 -11.38
CA SER B 178 13.68 -20.30 -11.70
C SER B 178 13.83 -20.29 -13.21
N THR B 179 14.51 -19.27 -13.74
CA THR B 179 14.74 -19.15 -15.17
C THR B 179 16.24 -19.18 -15.40
N LEU B 180 16.68 -20.12 -16.24
CA LEU B 180 18.06 -20.22 -16.71
C LEU B 180 18.11 -19.55 -18.07
N THR B 181 19.03 -18.62 -18.24
CA THR B 181 19.13 -17.88 -19.50
C THR B 181 20.44 -18.23 -20.19
N LEU B 182 20.32 -18.67 -21.45
CA LEU B 182 21.45 -18.99 -22.31
C LEU B 182 21.26 -18.33 -23.66
N SER B 183 22.36 -18.16 -24.39
CA SER B 183 22.22 -17.76 -25.77
C SER B 183 21.65 -18.93 -26.57
N LYS B 184 20.99 -18.58 -27.69
CA LYS B 184 20.53 -19.62 -28.60
C LYS B 184 21.68 -20.51 -29.03
N ALA B 185 22.84 -19.90 -29.31
CA ALA B 185 24.01 -20.69 -29.70
C ALA B 185 24.40 -21.70 -28.62
N ASP B 186 24.50 -21.26 -27.36
CA ASP B 186 24.82 -22.19 -26.29
C ASP B 186 23.73 -23.25 -26.11
N TYR B 187 22.45 -22.84 -26.14
CA TYR B 187 21.34 -23.78 -25.98
C TYR B 187 21.42 -24.91 -27.00
N GLU B 188 21.70 -24.58 -28.25
CA GLU B 188 21.73 -25.58 -29.30
C GLU B 188 23.00 -26.42 -29.32
N LYS B 189 24.02 -26.09 -28.51
CA LYS B 189 25.21 -26.94 -28.39
C LYS B 189 25.02 -28.09 -27.41
N HIS B 190 23.94 -28.10 -26.63
CA HIS B 190 23.82 -29.06 -25.54
C HIS B 190 22.48 -29.77 -25.63
N LYS B 191 22.40 -30.92 -24.97
CA LYS B 191 21.26 -31.81 -25.14
C LYS B 191 20.36 -31.92 -23.93
N VAL B 192 20.91 -32.30 -22.77
CA VAL B 192 20.09 -32.65 -21.63
C VAL B 192 20.00 -31.48 -20.67
N TYR B 193 18.77 -30.98 -20.47
CA TYR B 193 18.53 -29.85 -19.60
C TYR B 193 17.80 -30.36 -18.37
N ALA B 194 18.32 -30.04 -17.17
CA ALA B 194 17.77 -30.65 -15.97
C ALA B 194 17.73 -29.65 -14.83
N CYS B 195 16.71 -29.82 -13.99
N CYS B 195 16.66 -29.68 -14.04
CA CYS B 195 16.49 -29.02 -12.80
CA CYS B 195 16.66 -28.93 -12.80
C CYS B 195 16.45 -30.00 -11.64
C CYS B 195 16.45 -29.90 -11.65
N GLU B 196 17.36 -29.84 -10.69
CA GLU B 196 17.38 -30.71 -9.53
C GLU B 196 16.96 -29.90 -8.32
N VAL B 197 15.97 -30.40 -7.59
CA VAL B 197 15.35 -29.68 -6.49
C VAL B 197 15.64 -30.40 -5.19
N THR B 198 16.11 -29.67 -4.19
CA THR B 198 16.31 -30.19 -2.85
C THR B 198 15.35 -29.45 -1.91
N HIS B 199 14.65 -30.20 -1.07
CA HIS B 199 13.68 -29.59 -0.17
C HIS B 199 13.44 -30.55 0.99
N GLN B 200 13.07 -30.00 2.14
CA GLN B 200 12.89 -30.81 3.35
C GLN B 200 11.86 -31.92 3.15
N GLY B 201 10.85 -31.69 2.31
CA GLY B 201 9.84 -32.69 2.09
C GLY B 201 10.20 -33.78 1.11
N LEU B 202 11.37 -33.69 0.48
CA LEU B 202 11.84 -34.71 -0.44
C LEU B 202 12.94 -35.50 0.27
N SER B 203 12.75 -36.82 0.36
CA SER B 203 13.76 -37.66 0.98
C SER B 203 15.07 -37.66 0.20
N SER B 204 15.01 -37.50 -1.11
CA SER B 204 16.19 -37.32 -1.94
C SER B 204 15.83 -36.31 -3.02
N PRO B 205 16.84 -35.67 -3.63
CA PRO B 205 16.54 -34.61 -4.59
C PRO B 205 15.76 -35.15 -5.79
N VAL B 206 14.81 -34.33 -6.27
CA VAL B 206 13.97 -34.63 -7.42
C VAL B 206 14.53 -33.91 -8.63
N THR B 207 14.68 -34.63 -9.74
CA THR B 207 15.20 -34.05 -10.98
C THR B 207 14.15 -34.15 -12.07
N LYS B 208 13.91 -33.05 -12.76
CA LYS B 208 13.07 -33.02 -13.95
C LYS B 208 13.94 -32.57 -15.11
N SER B 209 13.78 -33.20 -16.27
N SER B 209 13.79 -33.22 -16.26
CA SER B 209 14.66 -32.89 -17.38
CA SER B 209 14.69 -33.00 -17.39
C SER B 209 13.93 -33.01 -18.70
C SER B 209 13.92 -33.02 -18.70
N PHE B 210 14.53 -32.44 -19.73
CA PHE B 210 14.14 -32.69 -21.10
C PHE B 210 15.39 -32.79 -21.97
N ASN B 211 15.25 -33.40 -23.14
CA ASN B 211 16.32 -33.45 -24.13
C ASN B 211 15.93 -32.48 -25.24
N ARG B 212 16.80 -31.51 -25.51
CA ARG B 212 16.55 -30.58 -26.60
C ARG B 212 16.18 -31.28 -27.90
N GLY B 213 15.08 -30.85 -28.52
CA GLY B 213 14.67 -31.40 -29.80
C GLY B 213 13.83 -32.66 -29.73
N GLU B 214 13.48 -33.13 -28.54
CA GLU B 214 12.64 -34.30 -28.37
C GLU B 214 11.36 -33.89 -27.64
N CYS B 215 10.36 -34.77 -27.72
CA CYS B 215 9.12 -34.54 -26.99
C CYS B 215 8.82 -35.73 -26.10
N GLU C 20 -4.66 34.04 34.35
CA GLU C 20 -5.49 33.06 33.65
C GLU C 20 -6.64 33.75 32.94
N VAL C 21 -6.56 33.86 31.63
CA VAL C 21 -7.61 34.55 30.87
C VAL C 21 -8.80 33.62 30.71
N GLU C 22 -9.95 34.05 31.19
CA GLU C 22 -11.18 33.32 30.94
C GLU C 22 -12.22 34.31 30.43
N TYR C 23 -13.04 33.82 29.51
CA TYR C 23 -14.15 34.55 28.96
C TYR C 23 -15.41 33.97 29.59
N ARG C 24 -16.32 34.84 29.96
CA ARG C 24 -17.46 34.43 30.75
C ARG C 24 -18.72 34.84 30.01
N ALA C 25 -19.72 33.99 30.15
CA ALA C 25 -21.07 34.34 29.77
C ALA C 25 -21.99 33.69 30.79
N GLU C 26 -23.16 34.25 30.91
CA GLU C 26 -24.15 33.70 31.78
C GLU C 26 -25.21 32.93 31.00
N VAL C 27 -25.67 31.84 31.62
CA VAL C 27 -26.61 30.92 31.00
C VAL C 27 -27.72 31.66 30.28
N GLY C 28 -27.93 31.30 29.01
CA GLY C 28 -28.92 31.92 28.17
C GLY C 28 -28.44 33.12 27.39
N GLN C 29 -27.26 33.66 27.70
CA GLN C 29 -26.68 34.75 26.93
C GLN C 29 -25.93 34.18 25.73
N ASN C 30 -25.33 35.07 24.93
CA ASN C 30 -24.41 34.65 23.87
C ASN C 30 -22.97 34.85 24.34
N ALA C 31 -22.13 33.83 24.17
CA ALA C 31 -20.72 33.97 24.50
C ALA C 31 -19.97 34.55 23.32
N TYR C 32 -18.83 35.19 23.62
CA TYR C 32 -17.96 35.80 22.62
C TYR C 32 -16.55 35.33 22.90
N LEU C 33 -15.93 34.66 21.92
CA LEU C 33 -14.54 34.24 22.06
C LEU C 33 -13.71 34.92 20.98
N PRO C 34 -12.84 35.88 21.33
CA PRO C 34 -12.14 36.65 20.31
C PRO C 34 -11.04 35.83 19.66
N CYS C 35 -10.87 36.04 18.35
CA CYS C 35 -9.82 35.36 17.62
C CYS C 35 -9.54 36.15 16.36
N PHE C 36 -8.28 36.51 16.15
CA PHE C 36 -7.91 37.41 15.08
C PHE C 36 -6.62 36.92 14.44
N TYR C 37 -6.49 37.15 13.15
CA TYR C 37 -5.27 36.77 12.45
C TYR C 37 -4.94 37.86 11.44
N THR C 38 -3.67 37.85 11.00
CA THR C 38 -3.18 38.77 9.98
C THR C 38 -3.59 38.26 8.61
N PRO C 39 -4.47 38.96 7.92
CA PRO C 39 -4.86 38.50 6.58
C PRO C 39 -3.76 38.80 5.56
N ALA C 40 -2.64 38.07 5.64
CA ALA C 40 -1.46 38.31 4.80
C ALA C 40 -1.56 37.68 3.42
N ALA C 41 -2.57 36.85 3.17
CA ALA C 41 -2.91 36.38 1.82
C ALA C 41 -4.16 37.14 1.39
N PRO C 42 -4.01 38.24 0.65
CA PRO C 42 -5.15 39.14 0.41
C PRO C 42 -6.14 38.56 -0.58
N GLY C 43 -7.43 38.73 -0.28
CA GLY C 43 -8.47 38.40 -1.24
C GLY C 43 -8.82 36.93 -1.33
N ASN C 44 -7.88 36.06 -0.95
CA ASN C 44 -7.98 34.64 -1.22
C ASN C 44 -8.16 33.86 0.08
N LEU C 45 -9.04 32.85 0.03
CA LEU C 45 -9.55 32.23 1.24
C LEU C 45 -8.45 31.51 2.03
N VAL C 46 -8.68 31.40 3.34
CA VAL C 46 -7.71 30.96 4.33
C VAL C 46 -8.39 29.93 5.22
N PRO C 47 -7.87 28.72 5.36
CA PRO C 47 -8.53 27.75 6.26
C PRO C 47 -8.57 28.25 7.69
N VAL C 48 -9.75 28.12 8.30
CA VAL C 48 -10.00 28.52 9.69
C VAL C 48 -10.90 27.44 10.28
N CYS C 49 -10.57 26.97 11.49
CA CYS C 49 -11.48 26.06 12.18
C CYS C 49 -11.64 26.52 13.61
N TRP C 50 -12.78 26.14 14.19
CA TRP C 50 -13.03 26.21 15.62
C TRP C 50 -13.46 24.85 16.11
N GLY C 51 -12.98 24.45 17.29
CA GLY C 51 -13.46 23.22 17.88
C GLY C 51 -13.43 23.30 19.39
N LYS C 52 -14.03 22.28 20.01
CA LYS C 52 -14.02 22.09 21.45
C LYS C 52 -12.78 21.31 21.84
N GLY C 53 -12.06 21.80 22.84
CA GLY C 53 -10.81 21.22 23.29
C GLY C 53 -9.61 22.00 22.78
N ALA C 54 -8.49 21.89 23.50
CA ALA C 54 -7.28 22.57 23.08
C ALA C 54 -6.84 22.10 21.68
N CYS C 55 -6.25 23.04 20.92
CA CYS C 55 -5.83 22.74 19.56
C CYS C 55 -4.94 21.50 19.53
N PRO C 56 -5.26 20.53 18.69
CA PRO C 56 -4.48 19.27 18.64
C PRO C 56 -3.37 19.31 17.61
N VAL C 57 -2.85 18.15 17.21
CA VAL C 57 -1.73 18.15 16.27
C VAL C 57 -2.09 18.90 14.98
N PHE C 58 -3.22 18.54 14.38
CA PHE C 58 -3.68 19.08 13.11
C PHE C 58 -5.11 19.56 13.28
N GLU C 59 -5.43 20.70 12.65
CA GLU C 59 -6.76 21.28 12.48
C GLU C 59 -7.41 21.37 13.87
N CYS C 60 -8.69 21.03 14.02
CA CYS C 60 -9.40 21.21 15.28
C CYS C 60 -10.03 19.90 15.73
N GLY C 61 -10.04 19.67 17.04
CA GLY C 61 -10.82 18.57 17.59
C GLY C 61 -12.26 19.00 17.80
N ASN C 62 -13.19 18.07 17.57
CA ASN C 62 -14.60 18.29 17.91
C ASN C 62 -15.13 19.60 17.32
N VAL C 63 -15.05 19.66 15.99
CA VAL C 63 -15.32 20.85 15.20
C VAL C 63 -16.73 21.37 15.48
N VAL C 64 -16.84 22.68 15.69
CA VAL C 64 -18.15 23.28 15.96
C VAL C 64 -18.74 24.02 14.77
N LEU C 65 -17.91 24.53 13.86
CA LEU C 65 -18.40 25.22 12.66
C LEU C 65 -17.39 25.11 11.52
N ARG C 66 -17.89 25.35 10.30
CA ARG C 66 -17.12 25.39 9.06
C ARG C 66 -17.06 26.82 8.53
N THR C 67 -15.93 27.17 7.91
CA THR C 67 -15.78 28.44 7.22
C THR C 67 -15.55 28.32 5.72
N ASP C 68 -15.30 27.13 5.19
CA ASP C 68 -15.06 26.97 3.75
C ASP C 68 -16.36 26.92 2.94
N GLU C 69 -17.47 26.60 3.58
CA GLU C 69 -18.79 26.54 2.97
C GLU C 69 -19.80 26.47 4.10
N ARG C 70 -21.06 26.78 3.78
CA ARG C 70 -22.08 26.79 4.83
C ARG C 70 -22.51 25.36 5.16
N ASP C 71 -22.72 25.12 6.46
CA ASP C 71 -23.10 23.80 6.93
C ASP C 71 -24.52 23.46 6.50
N VAL C 72 -24.88 22.19 6.64
CA VAL C 72 -26.20 21.73 6.20
C VAL C 72 -27.30 22.36 7.04
N ASN C 73 -27.05 22.55 8.33
CA ASN C 73 -27.99 23.19 9.25
C ASN C 73 -27.50 24.56 9.70
N TYR C 74 -26.91 25.31 8.76
CA TYR C 74 -26.39 26.66 9.00
C TYR C 74 -27.37 27.52 9.82
N TRP C 75 -28.63 27.56 9.39
CA TRP C 75 -29.61 28.46 9.99
C TRP C 75 -29.89 28.15 11.46
N THR C 76 -29.79 26.87 11.83
CA THR C 76 -30.21 26.41 13.14
C THR C 76 -29.07 26.27 14.14
N SER C 77 -27.84 26.53 13.71
CA SER C 77 -26.69 26.30 14.57
C SER C 77 -26.56 27.42 15.59
N ARG C 78 -25.94 27.11 16.73
CA ARG C 78 -25.64 28.11 17.74
C ARG C 78 -24.29 28.79 17.53
N TYR C 79 -23.48 28.31 16.59
CA TYR C 79 -22.10 28.77 16.38
C TYR C 79 -22.04 29.63 15.13
N TRP C 80 -21.51 30.83 15.27
CA TRP C 80 -21.48 31.80 14.19
C TRP C 80 -20.22 32.64 14.26
N LEU C 81 -19.70 33.00 13.08
CA LEU C 81 -18.64 34.00 12.96
C LEU C 81 -19.32 35.28 12.50
N ASN C 82 -19.52 36.20 13.43
CA ASN C 82 -20.24 37.43 13.16
C ASN C 82 -19.34 38.61 12.82
N GLY C 83 -18.02 38.42 12.86
CA GLY C 83 -17.10 39.50 12.57
C GLY C 83 -16.71 39.56 11.10
N ASP C 84 -15.87 40.54 10.78
CA ASP C 84 -15.35 40.70 9.42
C ASP C 84 -14.23 39.68 9.23
N PHE C 85 -14.62 38.42 9.02
CA PHE C 85 -13.63 37.36 8.88
C PHE C 85 -12.72 37.57 7.67
N ARG C 86 -13.23 38.25 6.65
CA ARG C 86 -12.42 38.65 5.50
C ARG C 86 -11.19 39.43 5.96
N LYS C 87 -11.35 40.29 6.97
CA LYS C 87 -10.28 41.11 7.53
C LYS C 87 -9.61 40.47 8.74
N GLY C 88 -9.80 39.17 8.94
CA GLY C 88 -9.08 38.46 9.98
C GLY C 88 -9.81 38.32 11.29
N ASP C 89 -11.07 38.74 11.37
CA ASP C 89 -11.82 38.60 12.62
C ASP C 89 -12.63 37.31 12.55
N VAL C 90 -12.09 36.23 13.13
CA VAL C 90 -12.80 34.96 13.14
C VAL C 90 -13.29 34.66 14.55
N SER C 91 -13.65 35.72 15.28
CA SER C 91 -14.17 35.54 16.62
C SER C 91 -15.47 34.72 16.59
N LEU C 92 -15.64 33.86 17.58
CA LEU C 92 -16.77 32.94 17.67
C LEU C 92 -17.88 33.48 18.57
N THR C 93 -19.12 33.41 18.07
CA THR C 93 -20.30 33.61 18.91
C THR C 93 -20.92 32.25 19.18
N ILE C 94 -21.22 31.97 20.45
CA ILE C 94 -21.98 30.79 20.83
C ILE C 94 -23.30 31.31 21.40
N GLU C 95 -24.40 31.00 20.72
CA GLU C 95 -25.70 31.55 21.08
C GLU C 95 -26.36 30.69 22.16
N ASN C 96 -27.06 31.37 23.08
CA ASN C 96 -27.92 30.71 24.07
C ASN C 96 -27.16 29.64 24.86
N VAL C 97 -26.14 30.09 25.59
CA VAL C 97 -25.20 29.17 26.21
C VAL C 97 -25.85 28.41 27.36
N THR C 98 -25.32 27.22 27.65
CA THR C 98 -25.65 26.47 28.85
C THR C 98 -24.34 26.13 29.57
N LEU C 99 -24.45 25.62 30.80
CA LEU C 99 -23.25 25.29 31.56
C LEU C 99 -22.40 24.25 30.85
N ALA C 100 -23.03 23.44 30.01
CA ALA C 100 -22.28 22.45 29.26
C ALA C 100 -21.36 23.09 28.22
N ASP C 101 -21.53 24.39 27.92
CA ASP C 101 -20.62 25.05 26.98
C ASP C 101 -19.27 25.43 27.58
N SER C 102 -19.11 25.43 28.90
CA SER C 102 -17.81 25.75 29.47
C SER C 102 -16.73 24.78 28.98
N GLY C 103 -15.52 25.30 28.79
CA GLY C 103 -14.37 24.49 28.41
C GLY C 103 -13.41 25.30 27.55
N ILE C 104 -12.32 24.63 27.10
CA ILE C 104 -11.36 25.19 26.16
C ILE C 104 -11.93 25.07 24.77
N TYR C 105 -11.73 26.11 23.97
CA TYR C 105 -12.05 26.08 22.55
C TYR C 105 -10.80 26.39 21.75
N CYS C 106 -10.65 25.74 20.60
CA CYS C 106 -9.51 26.01 19.74
C CYS C 106 -9.95 26.84 18.55
N CYS C 107 -9.23 27.93 18.30
CA CYS C 107 -9.36 28.71 17.07
C CYS C 107 -8.05 28.55 16.31
N ARG C 108 -8.14 28.12 15.04
CA ARG C 108 -6.93 27.77 14.31
C ARG C 108 -7.00 28.32 12.90
N ILE C 109 -5.90 28.90 12.42
CA ILE C 109 -5.83 29.54 11.12
C ILE C 109 -4.58 29.10 10.39
N GLN C 110 -4.71 28.77 9.10
CA GLN C 110 -3.57 28.40 8.26
C GLN C 110 -3.46 29.34 7.05
N ILE C 111 -2.63 30.36 7.17
CA ILE C 111 -2.37 31.20 5.99
C ILE C 111 -1.47 30.44 5.02
N PRO C 112 -1.79 30.38 3.71
CA PRO C 112 -1.08 29.44 2.83
C PRO C 112 0.43 29.62 2.84
N GLY C 113 1.13 28.47 2.89
CA GLY C 113 2.56 28.42 2.96
C GLY C 113 3.15 28.52 4.35
N ILE C 114 2.35 28.87 5.37
CA ILE C 114 2.92 29.13 6.68
C ILE C 114 3.58 27.89 7.24
N MET C 115 4.68 28.15 7.92
CA MET C 115 5.43 27.13 8.64
C MET C 115 4.53 26.43 9.63
N ASN C 116 3.83 27.19 10.49
CA ASN C 116 2.94 26.59 11.48
C ASN C 116 1.66 27.41 11.55
N ASP C 117 0.55 26.73 11.80
CA ASP C 117 -0.73 27.38 11.95
C ASP C 117 -0.69 28.28 13.16
N GLU C 118 -1.49 29.32 13.15
CA GLU C 118 -1.66 29.98 14.43
C GLU C 118 -2.86 29.41 15.17
N LYS C 119 -2.60 29.11 16.44
CA LYS C 119 -3.46 28.28 17.27
C LYS C 119 -3.72 29.08 18.53
N PHE C 120 -4.99 29.26 18.84
CA PHE C 120 -5.40 29.94 20.06
C PHE C 120 -6.32 29.04 20.85
N ASN C 121 -5.99 28.85 22.13
CA ASN C 121 -6.83 28.11 23.05
C ASN C 121 -7.55 29.13 23.91
N LEU C 122 -8.88 29.08 23.92
CA LEU C 122 -9.70 30.07 24.62
C LEU C 122 -10.56 29.39 25.67
N LYS C 123 -10.49 29.87 26.90
CA LYS C 123 -11.21 29.26 28.02
C LYS C 123 -12.53 29.98 28.24
N LEU C 124 -13.64 29.25 28.13
CA LEU C 124 -14.99 29.77 28.33
C LEU C 124 -15.55 29.22 29.63
N VAL C 125 -16.03 30.11 30.49
CA VAL C 125 -16.65 29.76 31.75
C VAL C 125 -18.07 30.30 31.75
N ILE C 126 -19.02 29.40 31.75
CA ILE C 126 -20.43 29.77 31.82
C ILE C 126 -20.89 29.84 33.27
N LYS C 127 -21.70 30.87 33.61
CA LYS C 127 -22.04 31.05 35.01
C LYS C 127 -23.52 30.86 35.04
N PRO C 128 -24.09 30.35 36.12
CA PRO C 128 -25.56 30.18 36.17
C PRO C 128 -26.31 31.50 36.23
N ALA C 129 -27.56 31.44 35.81
CA ALA C 129 -28.43 32.62 35.74
C ALA C 129 -29.12 32.85 37.09
C1 GOL D . 9.51 -15.51 -12.42
O1 GOL D . 8.70 -14.29 -12.40
C2 GOL D . 11.00 -15.05 -12.74
O2 GOL D . 11.11 -14.40 -14.01
C3 GOL D . 11.97 -16.30 -12.57
O3 GOL D . 11.43 -17.41 -13.25
C1 GOL E . -10.26 -8.00 8.09
O1 GOL E . -10.98 -8.39 9.22
C2 GOL E . -8.74 -8.22 8.37
O2 GOL E . -8.14 -8.96 7.37
C3 GOL E . -8.62 -8.91 9.77
O3 GOL E . -8.76 -10.31 9.58
C1 GOL F . 11.78 -37.31 -30.61
O1 GOL F . 10.59 -36.56 -30.56
C2 GOL F . 11.62 -38.50 -29.63
O2 GOL F . 11.05 -38.10 -28.42
C3 GOL F . 13.05 -39.10 -29.45
O3 GOL F . 13.25 -40.04 -30.47
C1 GOL G . -13.46 4.03 13.26
O1 GOL G . -14.60 3.86 14.05
C2 GOL G . -12.93 2.64 12.90
O2 GOL G . -13.92 1.78 12.49
C3 GOL G . -11.87 2.92 11.78
O3 GOL G . -12.26 2.24 10.61
#